data_7MJA
#
_entry.id   7MJA
#
_cell.length_a   77.211
_cell.length_b   77.211
_cell.length_c   174.870
_cell.angle_alpha   90.00
_cell.angle_beta   90.00
_cell.angle_gamma   90.00
#
_symmetry.space_group_name_H-M   'P 41 21 2'
#
loop_
_entity.id
_entity.type
_entity.pdbx_description
1 polymer 'HLA class I histocompatibility antigen'
2 polymer Beta-2-microglobulin
3 polymer 'Paired mesoderm homeobox protein 2B peptide'
4 non-polymer GLYCEROL
5 water water
#
loop_
_entity_poly.entity_id
_entity_poly.type
_entity_poly.pdbx_seq_one_letter_code
_entity_poly.pdbx_strand_id
1 'polypeptide(L)'
;MASGSHSMRYFSTSVSRPGRGEPRFIAVGYVDDTQFVRFDSDAASQRMEPRAPWIEQEGPEYWDEETGKVKAHSQTDREN
LRIALRYYNQSEAGSHTLQMMFGCDVGSDGRFLRGYHQYAYDGKDYIALKEDLRSWTAADMAAQITKRKWEAAHVAEQQR
AYLEGTCVDGLRRYLENGKETLQRTDPPKTHMTHHPISDHEATLRCWALGFYPAEITLTWQRDGEDQTQDTELVETRPAG
DGTFQKWAAVVVPSGEEQRYTCHVQHEGLPKPLTLRWEPSSQP
;
A
2 'polypeptide(L)'
;MIQRTPKIQVYSRHPAENGKSNFLNCYVSGFHPSDIEVDLLKNGERIEKVEHSDLSFSKDWSFYLLYYTEFTPTEKDEYA
CRVNHVTLSQPKIVKWDRDM
;
B
3 'polypeptide(L)' QYNPIRTTF C
#
# COMPACT_ATOMS: atom_id res chain seq x y z
N GLY A 4 0.91 -12.00 17.27
CA GLY A 4 -0.56 -11.79 17.45
C GLY A 4 -0.86 -10.31 17.63
N SER A 5 0.11 -9.47 17.30
CA SER A 5 -0.12 -8.02 17.35
C SER A 5 -0.96 -7.57 16.16
N HIS A 6 -1.54 -6.36 16.28
CA HIS A 6 -2.36 -5.79 15.21
C HIS A 6 -2.12 -4.29 15.17
N SER A 7 -2.47 -3.69 14.03
CA SER A 7 -2.26 -2.27 13.80
C SER A 7 -3.48 -1.63 13.17
N MET A 8 -3.68 -0.36 13.47
CA MET A 8 -4.62 0.46 12.74
C MET A 8 -3.86 1.67 12.22
N ARG A 9 -4.09 1.99 10.94
CA ARG A 9 -3.45 3.16 10.34
C ARG A 9 -4.43 3.95 9.51
N TYR A 10 -4.28 5.27 9.57
CA TYR A 10 -4.91 6.19 8.64
C TYR A 10 -3.81 6.92 7.89
N PHE A 11 -3.97 6.96 6.57
CA PHE A 11 -3.01 7.55 5.66
C PHE A 11 -3.73 8.64 4.88
N SER A 12 -3.17 9.84 4.85
CA SER A 12 -3.78 10.90 4.06
C SER A 12 -2.77 11.52 3.13
N THR A 13 -3.26 11.93 1.96
CA THR A 13 -2.45 12.63 0.96
C THR A 13 -3.18 13.88 0.55
N SER A 14 -2.55 15.04 0.73
CA SER A 14 -3.06 16.31 0.23
C SER A 14 -2.12 16.81 -0.85
N VAL A 15 -2.67 17.18 -2.01
CA VAL A 15 -1.86 17.61 -3.15
C VAL A 15 -2.39 18.94 -3.64
N SER A 16 -1.58 20.00 -3.56
CA SER A 16 -2.01 21.25 -4.17
C SER A 16 -1.86 21.17 -5.69
N ARG A 17 -2.67 21.97 -6.38
CA ARG A 17 -2.76 21.91 -7.84
C ARG A 17 -3.15 23.28 -8.34
N PRO A 18 -2.28 24.28 -8.16
CA PRO A 18 -2.59 25.64 -8.58
C PRO A 18 -3.08 25.68 -10.02
N GLY A 19 -4.22 26.30 -10.21
CA GLY A 19 -4.88 26.40 -11.50
C GLY A 19 -5.99 25.40 -11.69
N ARG A 20 -6.11 24.42 -10.79
CA ARG A 20 -7.09 23.35 -10.90
C ARG A 20 -7.85 23.20 -9.59
N GLY A 21 -8.05 24.29 -8.88
CA GLY A 21 -8.87 24.28 -7.69
C GLY A 21 -8.08 24.07 -6.42
N GLU A 22 -8.82 23.74 -5.36
CA GLU A 22 -8.23 23.55 -4.06
C GLU A 22 -7.53 22.21 -4.02
N PRO A 23 -6.63 22.00 -3.08
CA PRO A 23 -5.88 20.74 -3.04
C PRO A 23 -6.80 19.54 -2.93
N ARG A 24 -6.39 18.45 -3.57
CA ARG A 24 -7.08 17.19 -3.44
C ARG A 24 -6.62 16.49 -2.16
N PHE A 25 -7.57 15.94 -1.41
CA PHE A 25 -7.30 15.19 -0.18
C PHE A 25 -7.92 13.82 -0.32
N ILE A 26 -7.10 12.79 -0.07
CA ILE A 26 -7.54 11.39 -0.06
C ILE A 26 -7.02 10.78 1.22
N ALA A 27 -7.91 10.16 1.99
CA ALA A 27 -7.50 9.44 3.18
C ALA A 27 -8.02 8.01 3.11
N VAL A 28 -7.21 7.06 3.58
CA VAL A 28 -7.60 5.67 3.65
C VAL A 28 -7.30 5.16 5.05
N GLY A 29 -8.08 4.21 5.51
CA GLY A 29 -7.85 3.55 6.78
C GLY A 29 -7.65 2.10 6.61
N TYR A 30 -6.73 1.52 7.39
CA TYR A 30 -6.37 0.12 7.35
C TYR A 30 -6.37 -0.46 8.75
N VAL A 31 -6.78 -1.74 8.86
CA VAL A 31 -6.40 -2.59 9.97
C VAL A 31 -5.48 -3.66 9.39
N ASP A 32 -4.29 -3.79 9.96
CA ASP A 32 -3.28 -4.70 9.42
C ASP A 32 -3.17 -4.45 7.93
N ASP A 33 -3.28 -5.48 7.07
CA ASP A 33 -3.18 -5.30 5.63
C ASP A 33 -4.55 -5.18 4.95
N THR A 34 -5.59 -4.83 5.69
CA THR A 34 -6.96 -4.74 5.17
C THR A 34 -7.44 -3.28 5.18
N GLN A 35 -7.75 -2.75 4.00
CA GLN A 35 -8.35 -1.42 3.92
C GLN A 35 -9.82 -1.47 4.32
N PHE A 36 -10.29 -0.47 5.11
CA PHE A 36 -11.68 -0.52 5.55
C PHE A 36 -12.48 0.77 5.33
N VAL A 37 -11.84 1.91 5.08
CA VAL A 37 -12.55 3.16 4.80
C VAL A 37 -11.75 3.99 3.81
N ARG A 38 -12.44 4.94 3.17
CA ARG A 38 -11.78 5.96 2.37
C ARG A 38 -12.56 7.28 2.44
N PHE A 39 -11.86 8.37 2.13
CA PHE A 39 -12.49 9.67 1.89
C PHE A 39 -11.72 10.33 0.77
N ASP A 40 -12.44 10.86 -0.22
CA ASP A 40 -11.84 11.52 -1.37
C ASP A 40 -12.52 12.88 -1.58
N SER A 41 -11.76 13.96 -1.42
CA SER A 41 -12.30 15.31 -1.53
C SER A 41 -12.97 15.55 -2.86
N ASP A 42 -12.54 14.84 -3.90
CA ASP A 42 -13.05 15.11 -5.24
C ASP A 42 -14.29 14.29 -5.56
N ALA A 43 -14.64 13.31 -4.74
CA ALA A 43 -15.77 12.45 -5.01
C ALA A 43 -17.09 13.14 -4.68
N ALA A 44 -18.17 12.62 -5.29
CA ALA A 44 -19.48 13.24 -5.13
C ALA A 44 -20.04 13.02 -3.74
N SER A 45 -19.71 11.88 -3.15
CA SER A 45 -20.26 11.47 -1.87
C SER A 45 -20.07 12.54 -0.80
N GLN A 46 -18.84 13.04 -0.66
CA GLN A 46 -18.41 13.87 0.46
C GLN A 46 -18.67 13.16 1.80
N ARG A 47 -18.56 11.83 1.79
CA ARG A 47 -18.70 11.04 3.00
C ARG A 47 -17.49 10.13 3.17
N MET A 48 -17.12 9.83 4.43
CA MET A 48 -16.33 8.64 4.68
C MET A 48 -17.12 7.44 4.18
N GLU A 49 -16.46 6.56 3.44
CA GLU A 49 -17.13 5.44 2.78
C GLU A 49 -16.53 4.11 3.24
N PRO A 50 -17.36 3.08 3.38
CA PRO A 50 -16.85 1.75 3.73
C PRO A 50 -16.13 1.10 2.57
N ARG A 51 -15.06 0.35 2.91
CA ARG A 51 -14.30 -0.40 1.92
C ARG A 51 -14.03 -1.84 2.38
N ALA A 52 -14.67 -2.30 3.45
CA ALA A 52 -14.61 -3.70 3.85
C ALA A 52 -15.96 -4.08 4.45
N PRO A 53 -16.38 -5.34 4.30
CA PRO A 53 -17.73 -5.69 4.77
C PRO A 53 -17.95 -5.42 6.25
N TRP A 54 -16.93 -5.65 7.10
CA TRP A 54 -17.17 -5.67 8.54
C TRP A 54 -17.28 -4.27 9.14
N ILE A 55 -17.02 -3.21 8.38
CA ILE A 55 -17.26 -1.86 8.88
C ILE A 55 -18.68 -1.42 8.56
N GLU A 56 -19.37 -2.12 7.66
CA GLU A 56 -20.71 -1.71 7.28
C GLU A 56 -21.67 -1.87 8.44
N GLN A 57 -21.29 -2.65 9.45
CA GLN A 57 -22.08 -2.81 10.67
C GLN A 57 -22.21 -1.51 11.47
N GLU A 58 -21.29 -0.56 11.30
CA GLU A 58 -21.36 0.65 12.10
C GLU A 58 -22.58 1.46 11.72
N GLY A 59 -23.16 2.12 12.71
CA GLY A 59 -24.43 2.78 12.50
C GLY A 59 -24.26 4.15 11.89
N PRO A 60 -25.40 4.82 11.68
CA PRO A 60 -25.36 6.14 11.01
C PRO A 60 -24.55 7.17 11.74
N GLU A 61 -24.58 7.15 13.08
CA GLU A 61 -23.82 8.13 13.85
C GLU A 61 -22.33 8.00 13.56
N TYR A 62 -21.83 6.76 13.42
CA TYR A 62 -20.43 6.55 13.10
C TYR A 62 -20.05 7.23 11.78
N TRP A 63 -20.86 7.02 10.73
CA TRP A 63 -20.53 7.59 9.43
C TRP A 63 -20.60 9.11 9.48
N ASP A 64 -21.56 9.67 10.22
CA ASP A 64 -21.61 11.12 10.39
C ASP A 64 -20.36 11.62 11.10
N GLU A 65 -19.98 10.98 12.21
CA GLU A 65 -18.86 11.47 13.01
C GLU A 65 -17.53 11.32 12.26
N GLU A 66 -17.28 10.15 11.69
CA GLU A 66 -16.05 9.95 10.94
C GLU A 66 -15.98 10.92 9.77
N THR A 67 -17.10 11.17 9.10
CA THR A 67 -17.12 12.12 7.99
C THR A 67 -16.70 13.50 8.47
N GLY A 68 -17.28 13.94 9.59
CA GLY A 68 -16.90 15.26 10.11
C GLY A 68 -15.42 15.36 10.43
N LYS A 69 -14.86 14.31 11.02
CA LYS A 69 -13.46 14.35 11.46
C LYS A 69 -12.52 14.38 10.25
N VAL A 70 -12.79 13.56 9.23
CA VAL A 70 -11.89 13.51 8.08
C VAL A 70 -12.04 14.78 7.25
N LYS A 71 -13.25 15.34 7.16
CA LYS A 71 -13.39 16.62 6.46
C LYS A 71 -12.59 17.71 7.16
N ALA A 72 -12.60 17.71 8.50
CA ALA A 72 -11.85 18.73 9.23
C ALA A 72 -10.36 18.58 8.99
N HIS A 73 -9.87 17.34 8.97
CA HIS A 73 -8.49 17.11 8.63
C HIS A 73 -8.18 17.64 7.24
N SER A 74 -9.06 17.42 6.26
CA SER A 74 -8.76 17.91 4.91
C SER A 74 -8.54 19.41 4.92
N GLN A 75 -9.35 20.14 5.68
CA GLN A 75 -9.23 21.58 5.69
C GLN A 75 -7.98 22.02 6.47
N THR A 76 -7.64 21.29 7.53
CA THR A 76 -6.40 21.57 8.27
C THR A 76 -5.16 21.37 7.41
N ASP A 77 -5.12 20.29 6.64
CA ASP A 77 -3.91 20.08 5.85
C ASP A 77 -3.86 20.95 4.60
N ARG A 78 -5.00 21.47 4.16
CA ARG A 78 -4.94 22.53 3.16
C ARG A 78 -4.22 23.77 3.72
N GLU A 79 -4.54 24.16 4.96
CA GLU A 79 -3.85 25.28 5.59
C GLU A 79 -2.40 24.93 5.84
N ASN A 80 -2.12 23.70 6.25
CA ASN A 80 -0.72 23.34 6.45
C ASN A 80 0.08 23.37 5.16
N LEU A 81 -0.52 23.07 4.02
CA LEU A 81 0.20 23.18 2.71
C LEU A 81 0.54 24.65 2.47
N ARG A 82 -0.38 25.54 2.79
CA ARG A 82 -0.15 26.99 2.62
C ARG A 82 0.97 27.44 3.57
N ILE A 83 0.96 26.99 4.80
CA ILE A 83 1.99 27.38 5.77
C ILE A 83 3.35 26.85 5.34
N ALA A 84 3.40 25.58 4.93
CA ALA A 84 4.69 25.03 4.51
C ALA A 84 5.28 25.80 3.33
N LEU A 85 4.43 26.24 2.40
CA LEU A 85 4.94 27.02 1.29
C LEU A 85 5.67 28.26 1.79
N ARG A 86 5.13 28.89 2.84
CA ARG A 86 5.69 30.12 3.46
C ARG A 86 6.99 29.77 4.21
N TYR A 87 7.03 28.66 4.94
CA TYR A 87 8.23 28.28 5.70
C TYR A 87 9.39 27.93 4.76
N TYR A 88 9.11 27.26 3.66
CA TYR A 88 10.13 26.87 2.70
C TYR A 88 10.38 27.94 1.65
N ASN A 89 9.64 29.04 1.70
CA ASN A 89 9.73 30.15 0.75
C ASN A 89 9.62 29.64 -0.68
N GLN A 90 8.52 28.95 -0.96
CA GLN A 90 8.27 28.34 -2.27
C GLN A 90 7.17 29.09 -3.01
N SER A 91 7.26 29.07 -4.33
CA SER A 91 6.31 29.78 -5.16
C SER A 91 4.93 29.12 -5.12
N GLU A 92 3.90 29.95 -5.21
CA GLU A 92 2.51 29.50 -5.33
C GLU A 92 2.22 28.85 -6.69
N ALA A 93 3.18 28.86 -7.62
CA ALA A 93 2.94 28.28 -8.93
C ALA A 93 3.04 26.77 -8.92
N GLY A 94 3.71 26.20 -7.92
CA GLY A 94 4.04 24.79 -7.92
C GLY A 94 3.08 23.93 -7.12
N SER A 95 3.05 22.65 -7.48
CA SER A 95 2.27 21.63 -6.78
C SER A 95 3.12 20.95 -5.72
N HIS A 96 2.53 20.77 -4.54
CA HIS A 96 3.23 20.15 -3.43
C HIS A 96 2.31 19.15 -2.75
N THR A 97 2.93 18.27 -1.96
CA THR A 97 2.28 17.12 -1.33
C THR A 97 2.48 17.18 0.17
N LEU A 98 1.41 16.96 0.94
CA LEU A 98 1.53 16.81 2.39
C LEU A 98 0.87 15.49 2.74
N GLN A 99 1.65 14.56 3.26
CA GLN A 99 1.10 13.27 3.69
C GLN A 99 1.10 13.20 5.21
N MET A 100 0.09 12.52 5.75
CA MET A 100 0.06 12.23 7.18
C MET A 100 -0.21 10.75 7.39
N MET A 101 0.39 10.20 8.46
CA MET A 101 0.07 8.87 8.94
C MET A 101 -0.17 8.96 10.44
N PHE A 102 -1.20 8.29 10.93
CA PHE A 102 -1.41 8.21 12.37
C PHE A 102 -2.11 6.90 12.65
N GLY A 103 -1.99 6.43 13.87
CA GLY A 103 -2.60 5.18 14.25
C GLY A 103 -1.87 4.53 15.39
N CYS A 104 -2.22 3.27 15.65
CA CYS A 104 -1.72 2.60 16.84
C CYS A 104 -1.47 1.14 16.55
N ASP A 105 -0.58 0.56 17.36
CA ASP A 105 -0.32 -0.87 17.43
C ASP A 105 -0.83 -1.40 18.76
N VAL A 106 -1.36 -2.61 18.78
CA VAL A 106 -1.73 -3.28 20.03
C VAL A 106 -1.13 -4.67 20.03
N GLY A 107 -0.92 -5.20 21.23
CA GLY A 107 -0.44 -6.55 21.38
C GLY A 107 -1.55 -7.58 21.29
N SER A 108 -1.14 -8.84 21.49
CA SER A 108 -2.10 -9.94 21.49
C SER A 108 -3.21 -9.75 22.52
N ASP A 109 -2.93 -9.07 23.63
CA ASP A 109 -3.94 -8.83 24.65
C ASP A 109 -4.83 -7.63 24.34
N GLY A 110 -4.65 -7.00 23.20
CA GLY A 110 -5.47 -5.84 22.83
C GLY A 110 -5.10 -4.55 23.50
N ARG A 111 -4.05 -4.55 24.29
CA ARG A 111 -3.65 -3.31 24.96
C ARG A 111 -2.61 -2.56 24.13
N PHE A 112 -2.54 -1.27 24.41
CA PHE A 112 -1.71 -0.33 23.65
C PHE A 112 -0.25 -0.75 23.63
N LEU A 113 0.35 -0.68 22.45
CA LEU A 113 1.78 -0.93 22.29
C LEU A 113 2.54 0.28 21.78
N ARG A 114 2.06 0.94 20.72
CA ARG A 114 2.76 2.04 20.10
C ARG A 114 1.75 2.94 19.41
N GLY A 115 2.05 4.23 19.37
CA GLY A 115 1.25 5.17 18.63
C GLY A 115 2.13 5.97 17.66
N TYR A 116 1.48 6.47 16.61
CA TYR A 116 2.15 7.22 15.56
C TYR A 116 1.31 8.43 15.16
N HIS A 117 2.01 9.52 14.79
CA HIS A 117 1.38 10.79 14.40
C HIS A 117 2.45 11.57 13.65
N GLN A 118 2.43 11.52 12.32
CA GLN A 118 3.61 12.01 11.60
C GLN A 118 3.26 12.48 10.20
N TYR A 119 4.10 13.40 9.69
CA TYR A 119 3.87 14.05 8.44
C TYR A 119 5.10 13.99 7.55
N ALA A 120 4.87 14.02 6.24
CA ALA A 120 5.92 14.20 5.25
C ALA A 120 5.51 15.27 4.24
N TYR A 121 6.45 16.14 3.88
CA TYR A 121 6.20 17.18 2.90
C TYR A 121 7.07 16.90 1.67
N ASP A 122 6.43 16.85 0.51
CA ASP A 122 7.09 16.57 -0.75
C ASP A 122 7.99 15.33 -0.63
N GLY A 123 7.45 14.32 0.04
CA GLY A 123 8.09 13.01 0.08
C GLY A 123 9.19 12.84 1.10
N LYS A 124 9.43 13.84 1.93
CA LYS A 124 10.48 13.83 2.95
C LYS A 124 9.84 14.04 4.31
N ASP A 125 10.31 13.30 5.32
CA ASP A 125 9.84 13.50 6.69
C ASP A 125 9.80 15.00 7.02
N TYR A 126 8.71 15.44 7.65
CA TYR A 126 8.59 16.81 8.14
C TYR A 126 8.66 16.80 9.69
N ILE A 127 7.68 16.21 10.34
CA ILE A 127 7.67 16.13 11.80
C ILE A 127 7.01 14.82 12.17
N ALA A 128 7.48 14.21 13.25
CA ALA A 128 6.92 12.95 13.72
C ALA A 128 6.88 12.91 15.23
N LEU A 129 5.79 12.39 15.78
CA LEU A 129 5.72 12.15 17.20
C LEU A 129 6.61 10.97 17.57
N LYS A 130 7.43 11.14 18.59
CA LYS A 130 8.36 10.11 19.00
C LYS A 130 7.64 9.05 19.83
N GLU A 131 8.33 7.94 20.04
CA GLU A 131 7.69 6.78 20.64
C GLU A 131 7.16 7.08 22.03
N ASP A 132 7.81 7.99 22.76
CA ASP A 132 7.31 8.30 24.10
C ASP A 132 6.04 9.14 24.08
N LEU A 133 5.57 9.56 22.91
CA LEU A 133 4.33 10.32 22.76
C LEU A 133 4.37 11.64 23.50
N ARG A 134 5.56 12.19 23.78
CA ARG A 134 5.68 13.48 24.42
C ARG A 134 6.68 14.40 23.72
N SER A 135 7.39 13.91 22.70
CA SER A 135 8.46 14.67 22.05
C SER A 135 8.33 14.49 20.54
N TRP A 136 8.99 15.38 19.80
CA TRP A 136 8.90 15.40 18.35
C TRP A 136 10.27 15.32 17.68
N THR A 137 10.28 14.69 16.51
CA THR A 137 11.42 14.68 15.61
C THR A 137 11.13 15.61 14.43
N ALA A 138 11.92 16.67 14.31
CA ALA A 138 11.76 17.67 13.26
C ALA A 138 12.94 17.57 12.34
N ALA A 139 12.66 17.45 11.04
CA ALA A 139 13.63 17.02 10.07
C ALA A 139 14.43 18.14 9.41
N ASP A 140 13.92 19.37 9.29
CA ASP A 140 14.62 20.49 8.67
C ASP A 140 14.16 21.79 9.36
N MET A 141 14.79 22.91 9.04
CA MET A 141 14.61 24.15 9.85
C MET A 141 13.13 24.60 9.87
N ALA A 142 12.34 24.30 8.84
CA ALA A 142 10.90 24.59 8.84
C ALA A 142 10.18 23.76 9.88
N ALA A 143 10.38 22.45 9.86
CA ALA A 143 9.73 21.63 10.86
C ALA A 143 10.13 22.02 12.27
N GLN A 144 11.28 22.68 12.47
CA GLN A 144 11.58 23.08 13.84
C GLN A 144 10.68 24.22 14.31
N ILE A 145 10.23 25.08 13.39
CA ILE A 145 9.27 26.12 13.78
C ILE A 145 7.99 25.47 14.28
N THR A 146 7.51 24.47 13.53
CA THR A 146 6.32 23.74 13.94
C THR A 146 6.55 23.00 15.25
N LYS A 147 7.71 22.35 15.37
CA LYS A 147 8.04 21.64 16.60
C LYS A 147 7.96 22.56 17.80
N ARG A 148 8.57 23.74 17.70
CA ARG A 148 8.55 24.69 18.83
C ARG A 148 7.12 25.13 19.15
N LYS A 149 6.31 25.39 18.12
CA LYS A 149 4.90 25.73 18.37
C LYS A 149 4.16 24.58 19.03
N TRP A 150 4.39 23.36 18.56
CA TRP A 150 3.64 22.23 19.08
C TRP A 150 4.08 21.87 20.50
N GLU A 151 5.37 22.01 20.80
CA GLU A 151 5.85 21.87 22.17
C GLU A 151 5.16 22.88 23.08
N ALA A 152 5.13 24.13 22.65
CA ALA A 152 4.53 25.19 23.45
C ALA A 152 3.08 24.91 23.75
N ALA A 153 2.34 24.40 22.77
CA ALA A 153 0.90 24.19 22.87
C ALA A 153 0.53 22.79 23.38
N HIS A 154 1.52 21.99 23.76
CA HIS A 154 1.30 20.63 24.28
C HIS A 154 0.44 19.82 23.33
N VAL A 155 0.76 19.91 22.04
CA VAL A 155 0.06 19.16 21.01
C VAL A 155 0.24 17.66 21.22
N ALA A 156 1.43 17.24 21.63
CA ALA A 156 1.70 15.82 21.81
C ALA A 156 0.75 15.22 22.84
N GLU A 157 0.61 15.88 23.99
CA GLU A 157 -0.29 15.39 25.03
C GLU A 157 -1.70 15.25 24.48
N GLN A 158 -2.11 16.22 23.65
CA GLN A 158 -3.45 16.18 23.08
C GLN A 158 -3.67 14.94 22.21
N GLN A 159 -2.62 14.46 21.51
CA GLN A 159 -2.76 13.28 20.66
C GLN A 159 -2.73 11.99 21.47
N ARG A 160 -2.21 12.04 22.70
CA ARG A 160 -1.97 10.81 23.45
C ARG A 160 -3.28 10.15 23.86
N ALA A 161 -4.27 10.94 24.29
CA ALA A 161 -5.56 10.37 24.63
C ALA A 161 -6.14 9.60 23.45
N TYR A 162 -6.01 10.14 22.24
CA TYR A 162 -6.47 9.42 21.06
C TYR A 162 -5.63 8.16 20.86
N LEU A 163 -4.30 8.29 20.86
CA LEU A 163 -3.48 7.17 20.41
C LEU A 163 -3.54 6.01 21.40
N GLU A 164 -3.61 6.31 22.69
CA GLU A 164 -3.64 5.30 23.75
C GLU A 164 -5.05 4.88 24.10
N GLY A 165 -6.06 5.61 23.63
CA GLY A 165 -7.43 5.37 24.04
C GLY A 165 -8.33 5.03 22.86
N THR A 166 -8.86 6.08 22.23
CA THR A 166 -9.80 5.93 21.12
C THR A 166 -9.27 5.02 20.00
N CYS A 167 -8.01 5.22 19.62
CA CYS A 167 -7.43 4.40 18.56
C CYS A 167 -7.46 2.92 18.95
N VAL A 168 -6.98 2.62 20.15
CA VAL A 168 -6.93 1.25 20.64
C VAL A 168 -8.34 0.67 20.76
N ASP A 169 -9.27 1.46 21.31
CA ASP A 169 -10.63 1.01 21.46
C ASP A 169 -11.27 0.70 20.10
N GLY A 170 -11.04 1.56 19.13
CA GLY A 170 -11.60 1.31 17.81
C GLY A 170 -11.03 0.05 17.20
N LEU A 171 -9.71 -0.08 17.26
CA LEU A 171 -9.05 -1.27 16.70
C LEU A 171 -9.55 -2.55 17.36
N ARG A 172 -9.77 -2.52 18.67
CA ARG A 172 -10.30 -3.69 19.39
C ARG A 172 -11.68 -4.07 18.86
N ARG A 173 -12.54 -3.09 18.67
CA ARG A 173 -13.88 -3.35 18.15
C ARG A 173 -13.82 -3.88 16.73
N TYR A 174 -12.99 -3.28 15.87
CA TYR A 174 -12.90 -3.76 14.49
C TYR A 174 -12.37 -5.18 14.45
N LEU A 175 -11.36 -5.48 15.27
CA LEU A 175 -10.82 -6.83 15.25
C LEU A 175 -11.87 -7.87 15.62
N GLU A 176 -12.78 -7.56 16.56
CA GLU A 176 -13.85 -8.50 16.89
C GLU A 176 -14.89 -8.54 15.79
N ASN A 177 -15.34 -7.38 15.32
CA ASN A 177 -16.39 -7.38 14.31
C ASN A 177 -15.92 -8.01 13.02
N GLY A 178 -14.66 -7.80 12.65
CA GLY A 178 -14.08 -8.37 11.44
C GLY A 178 -13.25 -9.61 11.61
N LYS A 179 -13.44 -10.29 12.74
CA LYS A 179 -12.53 -11.37 13.12
C LYS A 179 -12.45 -12.48 12.09
N GLU A 180 -13.52 -12.73 11.33
CA GLU A 180 -13.48 -13.84 10.37
C GLU A 180 -12.48 -13.62 9.23
N THR A 181 -12.02 -12.40 8.99
CA THR A 181 -10.86 -12.16 8.15
C THR A 181 -9.67 -11.62 8.95
N LEU A 182 -9.90 -10.62 9.80
CA LEU A 182 -8.76 -9.95 10.40
C LEU A 182 -7.99 -10.84 11.38
N GLN A 183 -8.64 -11.83 12.00
CA GLN A 183 -7.98 -12.74 12.94
C GLN A 183 -7.84 -14.14 12.38
N ARG A 184 -7.92 -14.27 11.05
CA ARG A 184 -7.68 -15.51 10.35
C ARG A 184 -6.55 -15.28 9.34
N THR A 185 -6.10 -16.36 8.73
CA THR A 185 -5.08 -16.29 7.70
C THR A 185 -5.54 -17.08 6.50
N ASP A 186 -5.11 -16.63 5.32
CA ASP A 186 -5.19 -17.43 4.10
C ASP A 186 -3.79 -17.97 3.82
N PRO A 187 -3.55 -19.29 3.94
CA PRO A 187 -2.21 -19.76 3.60
C PRO A 187 -1.97 -19.64 2.09
N PRO A 188 -0.70 -19.51 1.68
CA PRO A 188 -0.44 -19.41 0.25
C PRO A 188 -0.80 -20.70 -0.46
N LYS A 189 -1.43 -20.55 -1.63
CA LYS A 189 -1.52 -21.63 -2.60
C LYS A 189 -0.20 -21.66 -3.37
N THR A 190 0.49 -22.80 -3.36
CA THR A 190 1.84 -22.83 -3.92
C THR A 190 1.93 -23.83 -5.07
N HIS A 191 2.86 -23.55 -5.97
CA HIS A 191 3.24 -24.48 -7.02
C HIS A 191 4.54 -24.01 -7.63
N MET A 192 5.17 -24.90 -8.39
CA MET A 192 6.42 -24.59 -9.06
C MET A 192 6.25 -24.79 -10.56
N THR A 193 6.80 -23.88 -11.35
CA THR A 193 6.83 -24.04 -12.80
C THR A 193 8.26 -24.20 -13.27
N HIS A 194 8.41 -24.75 -14.47
CA HIS A 194 9.70 -25.04 -15.07
C HIS A 194 9.70 -24.44 -16.47
N HIS A 195 10.72 -23.67 -16.77
CA HIS A 195 10.87 -23.01 -18.07
C HIS A 195 12.25 -23.28 -18.64
N PRO A 196 12.42 -24.15 -19.62
CA PRO A 196 13.71 -24.21 -20.31
C PRO A 196 13.97 -22.90 -21.02
N ILE A 197 15.13 -22.30 -20.78
CA ILE A 197 15.47 -21.03 -21.38
C ILE A 197 16.61 -21.13 -22.37
N SER A 198 17.33 -22.25 -22.40
CA SER A 198 18.42 -22.48 -23.33
C SER A 198 18.66 -23.98 -23.37
N ASP A 199 19.62 -24.38 -24.20
CA ASP A 199 19.97 -25.80 -24.21
C ASP A 199 20.58 -26.23 -22.89
N HIS A 200 21.10 -25.29 -22.10
CA HIS A 200 21.88 -25.63 -20.93
C HIS A 200 21.32 -25.12 -19.61
N GLU A 201 20.27 -24.27 -19.64
CA GLU A 201 19.70 -23.68 -18.42
C GLU A 201 18.18 -23.78 -18.45
N ALA A 202 17.60 -23.81 -17.25
CA ALA A 202 16.17 -23.73 -17.09
C ALA A 202 15.88 -22.85 -15.88
N THR A 203 14.69 -22.24 -15.89
CA THR A 203 14.25 -21.40 -14.79
C THR A 203 13.14 -22.11 -14.02
N LEU A 204 13.34 -22.21 -12.72
CA LEU A 204 12.32 -22.71 -11.82
C LEU A 204 11.68 -21.52 -11.14
N ARG A 205 10.35 -21.46 -11.12
CA ARG A 205 9.67 -20.33 -10.49
C ARG A 205 8.71 -20.86 -9.44
N CYS A 206 8.88 -20.41 -8.22
CA CYS A 206 8.11 -20.85 -7.08
C CYS A 206 7.05 -19.81 -6.75
N TRP A 207 5.78 -20.19 -6.84
CA TRP A 207 4.65 -19.30 -6.72
C TRP A 207 3.95 -19.41 -5.37
N ALA A 208 3.59 -18.26 -4.79
CA ALA A 208 2.74 -18.20 -3.61
C ALA A 208 1.59 -17.27 -3.92
N LEU A 209 0.35 -17.78 -3.90
CA LEU A 209 -0.80 -17.01 -4.36
C LEU A 209 -1.92 -17.01 -3.34
N GLY A 210 -2.61 -15.89 -3.25
CA GLY A 210 -3.84 -15.80 -2.47
C GLY A 210 -3.65 -15.89 -0.97
N PHE A 211 -2.58 -15.29 -0.45
CA PHE A 211 -2.29 -15.40 0.98
C PHE A 211 -2.63 -14.09 1.68
N TYR A 212 -2.90 -14.20 2.98
CA TYR A 212 -3.21 -13.06 3.84
C TYR A 212 -2.76 -13.47 5.24
N PRO A 213 -1.99 -12.65 5.96
CA PRO A 213 -1.54 -11.31 5.58
C PRO A 213 -0.39 -11.32 4.58
N ALA A 214 0.10 -10.13 4.27
CA ALA A 214 1.05 -9.99 3.17
C ALA A 214 2.44 -10.51 3.54
N GLU A 215 2.81 -10.51 4.81
CA GLU A 215 4.14 -10.96 5.21
C GLU A 215 4.36 -12.42 4.79
N ILE A 216 5.45 -12.67 4.07
CA ILE A 216 5.78 -14.02 3.61
C ILE A 216 7.28 -14.07 3.35
N THR A 217 7.85 -15.27 3.40
CA THR A 217 9.25 -15.43 3.01
C THR A 217 9.33 -16.60 2.05
N LEU A 218 9.93 -16.34 0.90
CA LEU A 218 10.25 -17.35 -0.11
C LEU A 218 11.75 -17.39 -0.28
N THR A 219 12.34 -18.58 -0.12
CA THR A 219 13.78 -18.72 -0.32
C THR A 219 14.07 -19.99 -1.11
N TRP A 220 15.22 -20.01 -1.77
CA TRP A 220 15.72 -21.18 -2.48
C TRP A 220 16.88 -21.80 -1.73
N GLN A 221 17.00 -23.11 -1.84
CA GLN A 221 18.19 -23.81 -1.39
C GLN A 221 18.66 -24.72 -2.51
N ARG A 222 19.97 -24.97 -2.51
CA ARG A 222 20.60 -25.97 -3.36
C ARG A 222 21.34 -26.94 -2.46
N ASP A 223 21.02 -28.21 -2.58
CA ASP A 223 21.60 -29.24 -1.71
C ASP A 223 21.45 -28.82 -0.24
N GLY A 224 20.30 -28.20 0.07
CA GLY A 224 20.01 -27.86 1.44
C GLY A 224 20.75 -26.67 1.99
N GLU A 225 21.41 -25.88 1.16
CA GLU A 225 22.09 -24.68 1.61
C GLU A 225 21.57 -23.48 0.82
N ASP A 226 21.54 -22.33 1.50
CA ASP A 226 20.88 -21.16 0.94
C ASP A 226 21.45 -20.81 -0.44
N GLN A 227 20.56 -20.48 -1.35
CA GLN A 227 20.89 -20.15 -2.74
C GLN A 227 20.29 -18.78 -3.02
N THR A 228 21.15 -17.79 -3.25
CA THR A 228 20.70 -16.47 -3.67
C THR A 228 21.26 -16.04 -5.02
N GLN A 229 22.40 -16.58 -5.44
CA GLN A 229 22.89 -16.28 -6.78
C GLN A 229 21.87 -16.72 -7.83
N ASP A 230 21.74 -15.94 -8.88
CA ASP A 230 20.89 -16.26 -10.02
C ASP A 230 19.45 -16.44 -9.62
N THR A 231 19.01 -15.72 -8.58
CA THR A 231 17.61 -15.71 -8.20
C THR A 231 17.00 -14.34 -8.49
N GLU A 232 15.67 -14.35 -8.61
CA GLU A 232 14.86 -13.15 -8.74
C GLU A 232 13.63 -13.32 -7.86
N LEU A 233 13.36 -12.32 -7.03
CA LEU A 233 12.27 -12.31 -6.07
C LEU A 233 11.47 -11.05 -6.32
N VAL A 234 10.20 -11.18 -6.73
CA VAL A 234 9.41 -9.99 -7.00
C VAL A 234 8.85 -9.43 -5.70
N GLU A 235 8.61 -8.11 -5.69
CA GLU A 235 7.95 -7.52 -4.55
C GLU A 235 6.54 -8.09 -4.38
N THR A 236 6.17 -8.32 -3.12
CA THR A 236 4.81 -8.78 -2.81
C THR A 236 3.78 -7.82 -3.39
N ARG A 237 2.75 -8.39 -4.02
CA ARG A 237 1.82 -7.62 -4.81
C ARG A 237 0.38 -8.06 -4.56
N PRO A 238 -0.56 -7.12 -4.64
CA PRO A 238 -1.96 -7.46 -4.33
C PRO A 238 -2.61 -8.24 -5.46
N ALA A 239 -3.32 -9.31 -5.11
CA ALA A 239 -4.13 -10.00 -6.11
C ALA A 239 -5.30 -9.15 -6.57
N GLY A 240 -5.78 -8.24 -5.72
CA GLY A 240 -6.93 -7.41 -6.00
C GLY A 240 -8.19 -7.82 -5.27
N ASP A 241 -8.17 -8.98 -4.60
CA ASP A 241 -9.31 -9.53 -3.90
C ASP A 241 -9.13 -9.54 -2.39
N GLY A 242 -8.14 -8.79 -1.88
CA GLY A 242 -7.83 -8.82 -0.48
C GLY A 242 -6.62 -9.63 -0.12
N THR A 243 -6.15 -10.52 -1.02
CA THR A 243 -4.99 -11.36 -0.75
C THR A 243 -3.81 -10.91 -1.61
N PHE A 244 -2.69 -11.60 -1.43
CA PHE A 244 -1.41 -11.17 -1.97
C PHE A 244 -0.76 -12.30 -2.73
N GLN A 245 0.23 -11.90 -3.54
CA GLN A 245 1.00 -12.81 -4.38
C GLN A 245 2.48 -12.54 -4.24
N LYS A 246 3.30 -13.56 -4.51
CA LYS A 246 4.75 -13.37 -4.58
C LYS A 246 5.30 -14.56 -5.35
N TRP A 247 6.41 -14.36 -6.02
CA TRP A 247 7.15 -15.51 -6.53
C TRP A 247 8.64 -15.31 -6.43
N ALA A 248 9.36 -16.44 -6.48
CA ALA A 248 10.81 -16.48 -6.39
C ALA A 248 11.28 -17.42 -7.50
N ALA A 249 12.25 -17.00 -8.30
CA ALA A 249 12.71 -17.84 -9.40
C ALA A 249 14.22 -18.03 -9.33
N VAL A 250 14.70 -19.14 -9.88
CA VAL A 250 16.13 -19.40 -9.91
C VAL A 250 16.49 -20.01 -11.26
N VAL A 251 17.64 -19.60 -11.79
CA VAL A 251 18.15 -20.19 -13.02
C VAL A 251 19.11 -21.32 -12.65
N VAL A 252 18.87 -22.51 -13.20
CA VAL A 252 19.63 -23.69 -12.81
C VAL A 252 20.22 -24.38 -14.03
N PRO A 253 21.33 -25.10 -13.89
CA PRO A 253 21.82 -25.93 -15.00
C PRO A 253 20.80 -27.01 -15.32
N SER A 254 20.47 -27.14 -16.60
CA SER A 254 19.55 -28.19 -17.03
C SER A 254 20.07 -29.54 -16.56
N GLY A 255 19.21 -30.32 -15.91
CA GLY A 255 19.59 -31.59 -15.34
C GLY A 255 19.85 -31.57 -13.85
N GLU A 256 19.95 -30.39 -13.24
CA GLU A 256 20.22 -30.27 -11.81
C GLU A 256 19.00 -29.79 -11.05
N GLU A 257 17.82 -29.78 -11.69
CA GLU A 257 16.62 -29.25 -11.06
C GLU A 257 16.37 -29.87 -9.70
N GLN A 258 16.65 -31.17 -9.54
CA GLN A 258 16.29 -31.84 -8.30
C GLN A 258 17.17 -31.42 -7.13
N ARG A 259 18.25 -30.71 -7.38
CA ARG A 259 19.07 -30.22 -6.26
C ARG A 259 18.42 -29.03 -5.56
N TYR A 260 17.42 -28.42 -6.16
CA TYR A 260 16.91 -27.14 -5.70
C TYR A 260 15.58 -27.31 -4.98
N THR A 261 15.40 -26.59 -3.88
CA THR A 261 14.15 -26.58 -3.15
C THR A 261 13.72 -25.16 -2.88
N CYS A 262 12.42 -24.92 -2.94
CA CYS A 262 11.81 -23.66 -2.56
C CYS A 262 11.16 -23.82 -1.19
N HIS A 263 11.35 -22.80 -0.34
CA HIS A 263 10.89 -22.84 1.04
C HIS A 263 9.95 -21.68 1.28
N VAL A 264 8.78 -21.98 1.82
CA VAL A 264 7.72 -20.99 1.96
C VAL A 264 7.36 -20.89 3.45
N GLN A 265 7.53 -19.69 4.00
CA GLN A 265 7.14 -19.41 5.38
C GLN A 265 6.01 -18.39 5.41
N HIS A 266 4.94 -18.72 6.11
CA HIS A 266 3.80 -17.82 6.21
C HIS A 266 3.03 -18.15 7.48
N GLU A 267 2.38 -17.12 8.05
CA GLU A 267 1.64 -17.29 9.29
C GLU A 267 0.55 -18.33 9.17
N GLY A 268 -0.02 -18.46 7.97
CA GLY A 268 -1.07 -19.44 7.74
C GLY A 268 -0.62 -20.86 7.54
N LEU A 269 0.69 -21.10 7.60
CA LEU A 269 1.22 -22.45 7.45
C LEU A 269 1.71 -22.96 8.82
N PRO A 270 1.10 -24.01 9.37
CA PRO A 270 1.62 -24.55 10.64
C PRO A 270 3.09 -24.94 10.53
N LYS A 271 3.47 -25.58 9.43
CA LYS A 271 4.84 -25.95 9.11
C LYS A 271 5.26 -25.28 7.81
N PRO A 272 6.45 -24.72 7.73
CA PRO A 272 6.90 -24.20 6.42
C PRO A 272 6.86 -25.30 5.37
N LEU A 273 6.65 -24.88 4.13
CA LEU A 273 6.54 -25.79 3.00
C LEU A 273 7.87 -25.88 2.27
N THR A 274 8.19 -27.08 1.76
CA THR A 274 9.33 -27.30 0.90
C THR A 274 8.82 -27.85 -0.42
N LEU A 275 9.12 -27.15 -1.52
CA LEU A 275 8.68 -27.55 -2.85
C LEU A 275 9.89 -27.95 -3.68
N ARG A 276 9.71 -29.00 -4.50
CA ARG A 276 10.73 -29.43 -5.45
C ARG A 276 10.06 -29.64 -6.80
N TRP A 277 10.85 -29.53 -7.86
CA TRP A 277 10.32 -29.68 -9.21
C TRP A 277 9.88 -31.12 -9.39
N ILE B 2 11.21 15.66 -3.42
CA ILE B 2 11.75 14.33 -3.81
C ILE B 2 10.92 13.79 -4.97
N GLN B 3 11.55 13.11 -5.92
CA GLN B 3 10.82 12.41 -6.97
C GLN B 3 11.35 10.98 -7.07
N ARG B 4 10.44 10.02 -7.17
CA ARG B 4 10.83 8.62 -7.34
C ARG B 4 9.99 8.02 -8.46
N THR B 5 10.64 7.23 -9.29
CA THR B 5 10.04 6.63 -10.47
C THR B 5 9.23 5.39 -10.11
N PRO B 6 8.09 5.15 -10.78
CA PRO B 6 7.29 3.98 -10.42
C PRO B 6 7.97 2.67 -10.77
N LYS B 7 7.78 1.70 -9.89
CA LYS B 7 8.09 0.30 -10.15
C LYS B 7 6.78 -0.22 -10.74
N ILE B 8 6.82 -1.17 -11.65
CA ILE B 8 5.64 -1.65 -12.37
C ILE B 8 5.65 -3.16 -12.39
N GLN B 9 4.53 -3.77 -11.99
CA GLN B 9 4.31 -5.18 -12.23
C GLN B 9 2.97 -5.37 -12.91
N VAL B 10 2.95 -6.16 -13.97
CA VAL B 10 1.76 -6.52 -14.71
C VAL B 10 1.55 -8.02 -14.54
N TYR B 11 0.35 -8.43 -14.19
CA TYR B 11 0.09 -9.84 -13.87
C TYR B 11 -1.41 -10.05 -13.79
N SER B 12 -1.81 -11.32 -13.76
CA SER B 12 -3.22 -11.66 -13.57
C SER B 12 -3.52 -12.02 -12.13
N ARG B 13 -4.79 -11.83 -11.74
CA ARG B 13 -5.21 -12.16 -10.38
C ARG B 13 -5.05 -13.65 -10.10
N HIS B 14 -5.42 -14.47 -11.07
CA HIS B 14 -5.37 -15.90 -10.96
C HIS B 14 -4.53 -16.46 -12.09
N PRO B 15 -3.95 -17.66 -11.91
CA PRO B 15 -3.20 -18.28 -13.01
C PRO B 15 -4.00 -18.28 -14.30
N ALA B 16 -3.39 -17.80 -15.37
CA ALA B 16 -4.09 -17.65 -16.63
C ALA B 16 -4.43 -18.99 -17.24
N GLU B 17 -5.64 -19.10 -17.77
CA GLU B 17 -6.03 -20.27 -18.58
C GLU B 17 -6.98 -19.70 -19.61
N ASN B 18 -6.72 -19.94 -20.89
CA ASN B 18 -7.47 -19.33 -21.98
C ASN B 18 -8.95 -19.68 -21.89
N GLY B 19 -9.81 -18.70 -22.17
CA GLY B 19 -11.24 -18.86 -22.11
C GLY B 19 -11.87 -18.70 -20.75
N LYS B 20 -11.07 -18.46 -19.69
CA LYS B 20 -11.57 -18.35 -18.31
C LYS B 20 -11.47 -16.90 -17.85
N SER B 21 -12.56 -16.32 -17.34
CA SER B 21 -12.53 -14.99 -16.78
C SER B 21 -11.41 -14.89 -15.76
N ASN B 22 -10.89 -13.68 -15.61
CA ASN B 22 -9.73 -13.38 -14.77
C ASN B 22 -9.72 -11.88 -14.58
N PHE B 23 -8.68 -11.38 -13.91
CA PHE B 23 -8.46 -9.94 -13.82
C PHE B 23 -7.03 -9.66 -14.23
N LEU B 24 -6.84 -8.60 -15.01
CA LEU B 24 -5.54 -8.10 -15.41
C LEU B 24 -5.18 -6.94 -14.49
N ASN B 25 -4.02 -7.04 -13.86
CA ASN B 25 -3.57 -6.12 -12.83
C ASN B 25 -2.33 -5.38 -13.30
N CYS B 26 -2.23 -4.09 -12.98
CA CYS B 26 -0.99 -3.34 -13.12
C CYS B 26 -0.77 -2.65 -11.80
N TYR B 27 0.27 -3.05 -11.08
CA TYR B 27 0.57 -2.54 -9.76
C TYR B 27 1.73 -1.57 -9.90
N VAL B 28 1.49 -0.29 -9.57
CA VAL B 28 2.53 0.73 -9.62
C VAL B 28 2.83 1.11 -8.18
N SER B 29 4.12 1.16 -7.85
CA SER B 29 4.51 1.41 -6.47
C SER B 29 5.84 2.15 -6.41
N GLY B 30 6.16 2.66 -5.23
CA GLY B 30 7.45 3.30 -5.02
C GLY B 30 7.65 4.63 -5.69
N PHE B 31 6.57 5.34 -6.00
CA PHE B 31 6.69 6.56 -6.78
C PHE B 31 6.31 7.78 -5.94
N HIS B 32 6.82 8.92 -6.36
CA HIS B 32 6.54 10.22 -5.75
C HIS B 32 6.85 11.25 -6.82
N PRO B 33 5.99 12.26 -7.05
CA PRO B 33 4.69 12.49 -6.42
C PRO B 33 3.61 11.53 -6.91
N SER B 34 2.38 11.74 -6.44
CA SER B 34 1.34 10.74 -6.58
C SER B 34 0.61 10.84 -7.91
N ASP B 35 0.70 11.94 -8.63
CA ASP B 35 0.04 12.04 -9.92
C ASP B 35 0.68 11.04 -10.87
N ILE B 36 -0.15 10.22 -11.52
CA ILE B 36 0.37 9.16 -12.37
C ILE B 36 -0.74 8.81 -13.36
N GLU B 37 -0.32 8.36 -14.54
CA GLU B 37 -1.25 7.90 -15.57
C GLU B 37 -0.98 6.42 -15.82
N VAL B 38 -2.02 5.59 -15.71
CA VAL B 38 -1.89 4.16 -15.94
C VAL B 38 -3.00 3.71 -16.87
N ASP B 39 -2.64 3.09 -17.99
CA ASP B 39 -3.60 2.52 -18.92
C ASP B 39 -3.31 1.03 -19.04
N LEU B 40 -4.38 0.25 -19.21
CA LEU B 40 -4.26 -1.14 -19.59
C LEU B 40 -4.55 -1.24 -21.08
N LEU B 41 -3.74 -2.03 -21.79
CA LEU B 41 -3.81 -2.10 -23.25
C LEU B 41 -4.17 -3.52 -23.68
N LYS B 42 -5.10 -3.63 -24.62
CA LYS B 42 -5.40 -4.89 -25.29
C LYS B 42 -4.97 -4.76 -26.75
N ASN B 43 -3.99 -5.55 -27.16
CA ASN B 43 -3.47 -5.47 -28.52
C ASN B 43 -3.13 -4.02 -28.87
N GLY B 44 -2.52 -3.32 -27.92
CA GLY B 44 -2.06 -1.97 -28.14
C GLY B 44 -3.12 -0.89 -27.95
N GLU B 45 -4.38 -1.25 -27.73
CA GLU B 45 -5.47 -0.32 -27.62
C GLU B 45 -5.91 -0.18 -26.17
N ARG B 46 -6.27 1.05 -25.79
CA ARG B 46 -6.62 1.36 -24.42
C ARG B 46 -7.93 0.68 -24.02
N ILE B 47 -7.89 -0.05 -22.90
CA ILE B 47 -9.07 -0.69 -22.33
C ILE B 47 -9.88 0.36 -21.56
N GLU B 48 -11.18 0.45 -21.88
CA GLU B 48 -11.95 1.63 -21.49
C GLU B 48 -12.45 1.60 -20.05
N LYS B 49 -12.72 0.43 -19.49
CA LYS B 49 -13.32 0.35 -18.16
C LYS B 49 -12.28 -0.26 -17.22
N VAL B 50 -11.36 0.59 -16.77
CA VAL B 50 -10.33 0.20 -15.83
C VAL B 50 -10.59 0.91 -14.52
N GLU B 51 -10.46 0.18 -13.42
CA GLU B 51 -10.60 0.76 -12.10
C GLU B 51 -9.27 0.74 -11.36
N HIS B 52 -9.20 1.48 -10.26
CA HIS B 52 -7.99 1.48 -9.48
C HIS B 52 -8.31 1.55 -8.00
N SER B 53 -7.36 1.08 -7.21
CA SER B 53 -7.46 1.11 -5.77
C SER B 53 -7.37 2.56 -5.26
N ASP B 54 -7.69 2.74 -3.98
CA ASP B 54 -7.60 4.06 -3.37
C ASP B 54 -6.14 4.39 -3.06
N LEU B 55 -5.74 5.64 -3.33
CA LEU B 55 -4.35 6.03 -3.15
C LEU B 55 -3.87 5.79 -1.73
N SER B 56 -2.77 5.06 -1.61
CA SER B 56 -2.18 4.72 -0.34
C SER B 56 -0.66 4.83 -0.47
N PHE B 57 0.03 4.64 0.65
CA PHE B 57 1.48 4.71 0.58
C PHE B 57 2.15 3.85 1.64
N SER B 58 3.46 3.67 1.40
CA SER B 58 4.29 2.79 2.19
C SER B 58 4.98 3.55 3.32
N LYS B 59 5.74 2.81 4.11
CA LYS B 59 6.34 3.43 5.30
C LYS B 59 7.33 4.51 4.90
N ASP B 60 7.94 4.41 3.72
CA ASP B 60 8.87 5.43 3.23
C ASP B 60 8.17 6.57 2.49
N TRP B 61 6.85 6.60 2.54
CA TRP B 61 5.96 7.65 2.05
C TRP B 61 5.74 7.55 0.54
N SER B 62 6.32 6.55 -0.13
CA SER B 62 6.10 6.39 -1.57
C SER B 62 4.76 5.72 -1.83
N PHE B 63 4.17 6.07 -2.96
CA PHE B 63 2.78 5.74 -3.23
C PHE B 63 2.68 4.40 -3.91
N TYR B 64 1.50 3.77 -3.78
CA TYR B 64 1.17 2.60 -4.57
C TYR B 64 -0.31 2.58 -4.93
N LEU B 65 -0.57 2.03 -6.12
CA LEU B 65 -1.91 1.91 -6.66
C LEU B 65 -1.99 0.61 -7.42
N LEU B 66 -3.16 -0.02 -7.42
CA LEU B 66 -3.46 -1.19 -8.27
C LEU B 66 -4.50 -0.77 -9.29
N TYR B 67 -4.19 -0.92 -10.58
CA TYR B 67 -5.15 -0.73 -11.66
C TYR B 67 -5.56 -2.11 -12.16
N TYR B 68 -6.86 -2.27 -12.48
CA TYR B 68 -7.34 -3.61 -12.82
C TYR B 68 -8.58 -3.56 -13.70
N THR B 69 -8.76 -4.65 -14.44
CA THR B 69 -9.90 -4.85 -15.33
C THR B 69 -10.17 -6.33 -15.48
N GLU B 70 -11.43 -6.69 -15.66
CA GLU B 70 -11.73 -8.08 -15.96
C GLU B 70 -11.30 -8.39 -17.38
N PHE B 71 -10.78 -9.61 -17.59
CA PHE B 71 -10.43 -10.03 -18.94
C PHE B 71 -10.44 -11.55 -19.00
N THR B 72 -10.57 -12.06 -20.23
CA THR B 72 -10.49 -13.49 -20.51
C THR B 72 -9.30 -13.69 -21.42
N PRO B 73 -8.16 -14.16 -20.91
CA PRO B 73 -6.98 -14.30 -21.77
C PRO B 73 -7.24 -15.32 -22.87
N THR B 74 -6.56 -15.12 -24.00
CA THR B 74 -6.58 -16.05 -25.11
C THR B 74 -5.14 -16.32 -25.52
N GLU B 75 -4.96 -17.30 -26.41
CA GLU B 75 -3.64 -17.50 -27.00
C GLU B 75 -3.21 -16.27 -27.79
N LYS B 76 -4.16 -15.63 -28.48
CA LYS B 76 -3.83 -14.58 -29.44
C LYS B 76 -3.56 -13.24 -28.76
N ASP B 77 -4.44 -12.82 -27.85
CA ASP B 77 -4.49 -11.43 -27.44
C ASP B 77 -3.29 -11.03 -26.59
N GLU B 78 -2.78 -9.83 -26.84
CA GLU B 78 -1.65 -9.25 -26.13
C GLU B 78 -2.14 -8.18 -25.16
N TYR B 79 -1.61 -8.20 -23.95
CA TYR B 79 -2.01 -7.23 -22.94
C TYR B 79 -0.77 -6.54 -22.39
N ALA B 80 -0.96 -5.30 -21.93
CA ALA B 80 0.15 -4.51 -21.41
C ALA B 80 -0.37 -3.40 -20.52
N CYS B 81 0.56 -2.77 -19.80
CA CYS B 81 0.26 -1.62 -18.95
C CYS B 81 1.13 -0.47 -19.41
N ARG B 82 0.54 0.72 -19.55
CA ARG B 82 1.23 1.90 -20.03
C ARG B 82 1.22 2.93 -18.91
N VAL B 83 2.40 3.34 -18.46
CA VAL B 83 2.54 4.20 -17.29
C VAL B 83 3.26 5.49 -17.69
N ASN B 84 2.71 6.63 -17.27
CA ASN B 84 3.42 7.89 -17.39
C ASN B 84 3.46 8.58 -16.03
N HIS B 85 4.56 9.28 -15.80
CA HIS B 85 4.88 9.91 -14.52
C HIS B 85 5.88 11.02 -14.81
N VAL B 86 5.94 12.03 -13.94
CA VAL B 86 6.82 13.18 -14.23
C VAL B 86 8.27 12.75 -14.33
N THR B 87 8.64 11.65 -13.67
CA THR B 87 10.02 11.19 -13.67
C THR B 87 10.43 10.61 -15.01
N LEU B 88 9.47 10.29 -15.87
CA LEU B 88 9.71 9.59 -17.12
C LEU B 88 9.73 10.55 -18.30
N SER B 89 10.65 10.32 -19.24
CA SER B 89 10.70 11.13 -20.44
C SER B 89 9.62 10.74 -21.46
N GLN B 90 9.10 9.53 -21.37
CA GLN B 90 8.05 9.05 -22.26
C GLN B 90 7.33 7.93 -21.55
N PRO B 91 6.10 7.60 -21.94
CA PRO B 91 5.39 6.54 -21.24
C PRO B 91 6.17 5.23 -21.30
N LYS B 92 6.04 4.45 -20.23
CA LYS B 92 6.66 3.14 -20.13
C LYS B 92 5.60 2.09 -20.37
N ILE B 93 5.87 1.14 -21.27
CA ILE B 93 4.95 0.04 -21.53
C ILE B 93 5.58 -1.24 -21.02
N VAL B 94 4.82 -2.00 -20.23
CA VAL B 94 5.26 -3.29 -19.73
C VAL B 94 4.25 -4.32 -20.19
N LYS B 95 4.73 -5.35 -20.89
CA LYS B 95 3.87 -6.39 -21.44
C LYS B 95 3.47 -7.40 -20.38
N TRP B 96 2.24 -7.90 -20.46
CA TRP B 96 1.82 -9.02 -19.63
C TRP B 96 2.46 -10.31 -20.13
N ASP B 97 3.00 -11.10 -19.20
CA ASP B 97 3.52 -12.44 -19.45
C ASP B 97 2.88 -13.36 -18.43
N ARG B 98 2.14 -14.37 -18.90
CA ARG B 98 1.34 -15.17 -17.98
C ARG B 98 2.18 -16.00 -17.03
N ASP B 99 3.48 -16.12 -17.26
CA ASP B 99 4.37 -16.88 -16.40
C ASP B 99 5.06 -16.01 -15.35
N MET B 100 4.66 -14.75 -15.22
CA MET B 100 5.25 -13.80 -14.28
C MET B 100 4.20 -13.00 -13.51
N GLN C 1 -11.51 4.36 13.99
CA GLN C 1 -11.96 5.67 14.49
C GLN C 1 -10.91 6.74 14.26
N TYR C 2 -11.31 7.76 13.50
CA TYR C 2 -10.42 8.85 13.13
C TYR C 2 -10.13 9.75 14.32
N ASN C 3 -8.99 10.42 14.25
CA ASN C 3 -8.64 11.50 15.19
C ASN C 3 -8.90 12.83 14.50
N PRO C 4 -9.73 13.71 15.07
CA PRO C 4 -9.88 15.04 14.45
C PRO C 4 -8.53 15.74 14.46
N ILE C 5 -8.12 16.21 13.29
CA ILE C 5 -6.84 16.86 13.09
C ILE C 5 -7.12 18.33 12.87
N ARG C 6 -6.81 19.18 13.87
CA ARG C 6 -7.05 20.61 13.80
C ARG C 6 -5.81 21.47 14.00
N THR C 7 -4.65 20.87 14.25
CA THR C 7 -3.45 21.63 14.60
C THR C 7 -2.71 22.07 13.35
N THR C 8 -2.36 23.35 13.28
CA THR C 8 -1.64 23.88 12.14
C THR C 8 -0.14 23.98 12.42
N PHE C 9 0.60 23.99 11.33
CA PHE C 9 2.05 24.07 11.36
C PHE C 9 2.57 25.44 11.85
#